data_6NZT
#
_entry.id   6NZT
#
_cell.length_a   55.194
_cell.length_b   59.009
_cell.length_c   60.166
_cell.angle_alpha   90.00
_cell.angle_beta   90.00
_cell.angle_gamma   90.00
#
_symmetry.space_group_name_H-M   'P 21 21 21'
#
loop_
_entity.id
_entity.type
_entity.pdbx_description
1 polymer 'HCV NS3/4A protease'
2 non-polymer Voxilaprevir
3 non-polymer 'ZINC ION'
4 non-polymer 'SULFATE ION'
5 water water
#
_entity_poly.entity_id   1
_entity_poly.type   'polypeptide(L)'
_entity_poly.pdbx_seq_one_letter_code
;GSHMASMKKKGSVVIVGRINLSGDTAYAQQTRGEEGCQETSQTGRDKNQVEGEVQIVSTATQTFLATSINGVLWTVYHGA
GTRTIASPKGPVTQMYTNVDKDLVGWQAPQGSRSLTPCTCGSSDLYLVTRHADVIPVRRRGDSRGSLLSPRPISYLKGSS
GGPLLCPAGHAVGIFRAAVSTRGVAKAVQFIPVESLETTMRSP
;
_entity_poly.pdbx_strand_id   A
#
# COMPACT_ATOMS: atom_id res chain seq x y z
N LYS A 10 21.81 -1.57 2.11
CA LYS A 10 20.54 -1.22 2.74
C LYS A 10 19.76 -2.48 3.07
N GLY A 11 18.93 -2.38 4.11
CA GLY A 11 18.14 -3.51 4.54
C GLY A 11 16.96 -3.74 3.62
N SER A 12 16.23 -4.82 3.92
CA SER A 12 15.00 -5.14 3.21
C SER A 12 13.81 -4.37 3.79
N VAL A 13 12.81 -4.14 2.94
CA VAL A 13 11.48 -3.80 3.43
C VAL A 13 10.93 -4.95 4.25
N VAL A 14 10.25 -4.64 5.35
CA VAL A 14 9.74 -5.66 6.28
C VAL A 14 8.25 -5.41 6.51
N ILE A 15 7.45 -6.47 6.40
CA ILE A 15 6.04 -6.41 6.79
C ILE A 15 5.96 -6.38 8.30
N VAL A 16 5.32 -5.34 8.84
CA VAL A 16 5.19 -5.16 10.28
C VAL A 16 3.75 -5.20 10.76
N GLY A 17 2.79 -5.32 9.85
CA GLY A 17 1.41 -5.40 10.26
C GLY A 17 0.53 -5.47 9.03
N ARG A 18 -0.78 -5.33 9.25
CA ARG A 18 -1.73 -5.38 8.15
C ARG A 18 -2.99 -4.62 8.52
N ILE A 19 -3.76 -4.26 7.49
CA ILE A 19 -5.08 -3.69 7.69
C ILE A 19 -6.07 -4.81 7.48
N ASN A 20 -6.81 -5.14 8.51
CA ASN A 20 -7.79 -6.21 8.44
C ASN A 20 -9.08 -5.65 7.86
N LEU A 21 -9.48 -6.17 6.70
CA LEU A 21 -10.68 -5.75 6.00
C LEU A 21 -11.67 -6.90 5.85
N SER A 22 -11.46 -8.00 6.57
CA SER A 22 -12.20 -9.23 6.34
C SER A 22 -13.61 -9.21 6.92
N GLY A 23 -13.85 -8.42 7.96
CA GLY A 23 -15.16 -8.43 8.61
C GLY A 23 -15.99 -7.22 8.31
N ASP A 24 -16.78 -6.77 9.29
CA ASP A 24 -17.56 -5.55 9.16
C ASP A 24 -16.80 -4.32 9.66
N THR A 25 -15.71 -4.51 10.39
CA THR A 25 -14.94 -3.41 10.96
C THR A 25 -13.50 -3.51 10.48
N ALA A 26 -13.00 -2.42 9.90
CA ALA A 26 -11.60 -2.36 9.49
C ALA A 26 -10.74 -1.93 10.67
N TYR A 27 -9.60 -2.61 10.85
CA TYR A 27 -8.70 -2.26 11.95
C TYR A 27 -7.27 -2.66 11.60
N ALA A 28 -6.31 -1.91 12.14
CA ALA A 28 -4.91 -2.22 11.94
C ALA A 28 -4.45 -3.24 12.96
N GLN A 29 -3.58 -4.15 12.53
CA GLN A 29 -2.97 -5.15 13.40
C GLN A 29 -1.45 -5.05 13.24
N GLN A 30 -0.73 -4.98 14.34
CA GLN A 30 0.73 -5.07 14.27
C GLN A 30 1.14 -6.52 14.42
N THR A 31 2.09 -6.95 13.58
CA THR A 31 2.59 -8.31 13.65
C THR A 31 4.06 -8.39 14.02
N ARG A 32 4.78 -7.27 14.01
CA ARG A 32 6.19 -7.25 14.41
C ARG A 32 6.51 -5.88 15.02
N GLY A 33 7.20 -5.89 16.17
CA GLY A 33 7.65 -4.66 16.80
C GLY A 33 8.95 -4.13 16.21
N GLU A 34 9.39 -2.99 16.75
CA GLU A 34 10.48 -2.24 16.12
C GLU A 34 11.81 -2.99 16.14
N GLU A 35 12.14 -3.65 17.25
CA GLU A 35 13.41 -4.35 17.32
C GLU A 35 13.44 -5.53 16.35
N GLY A 36 12.37 -6.32 16.31
CA GLY A 36 12.30 -7.41 15.36
C GLY A 36 12.29 -6.91 13.94
N CYS A 37 11.66 -5.76 13.70
CA CYS A 37 11.71 -5.16 12.37
C CYS A 37 13.16 -4.87 11.96
N GLN A 38 13.91 -4.20 12.83
CA GLN A 38 15.30 -3.87 12.50
C GLN A 38 16.12 -5.13 12.21
N GLU A 39 15.98 -6.17 13.04
CA GLU A 39 16.70 -7.41 12.82
C GLU A 39 16.32 -8.05 11.48
N THR A 40 15.01 -8.11 11.21
CA THR A 40 14.50 -8.73 9.98
C THR A 40 14.92 -7.94 8.75
N SER A 41 15.02 -6.62 8.87
CA SER A 41 15.48 -5.82 7.73
C SER A 41 16.92 -6.17 7.37
N GLN A 42 17.74 -6.44 8.38
CA GLN A 42 19.15 -6.73 8.11
C GLN A 42 19.32 -8.13 7.50
N THR A 43 18.61 -9.13 8.03
CA THR A 43 18.78 -10.48 7.50
C THR A 43 17.94 -10.73 6.25
N GLY A 44 16.83 -10.02 6.08
CA GLY A 44 15.91 -10.36 5.01
C GLY A 44 15.11 -11.61 5.23
N ARG A 45 15.19 -12.22 6.42
CA ARG A 45 14.54 -13.49 6.72
C ARG A 45 13.36 -13.21 7.65
N ASP A 46 12.15 -13.34 7.13
CA ASP A 46 10.93 -13.08 7.89
C ASP A 46 10.09 -14.34 7.86
N LYS A 47 10.01 -15.03 8.99
CA LYS A 47 9.24 -16.27 9.08
C LYS A 47 7.79 -16.06 9.47
N ASN A 48 7.36 -14.83 9.72
CA ASN A 48 5.99 -14.61 10.17
C ASN A 48 5.00 -14.99 9.07
N GLN A 49 3.83 -15.45 9.51
CA GLN A 49 2.73 -15.70 8.59
C GLN A 49 2.19 -14.37 8.09
N VAL A 50 1.87 -14.31 6.81
CA VAL A 50 1.28 -13.14 6.18
C VAL A 50 -0.18 -13.45 5.89
N GLU A 51 -1.05 -12.48 6.12
CA GLU A 51 -2.45 -12.59 5.76
C GLU A 51 -2.91 -11.25 5.20
N GLY A 52 -3.99 -11.30 4.40
CA GLY A 52 -4.66 -10.08 4.00
C GLY A 52 -4.12 -9.44 2.74
N GLU A 53 -4.76 -8.34 2.38
CA GLU A 53 -4.53 -7.60 1.14
C GLU A 53 -3.60 -6.42 1.32
N VAL A 54 -3.71 -5.70 2.43
CA VAL A 54 -2.96 -4.47 2.67
C VAL A 54 -2.01 -4.75 3.82
N GLN A 55 -0.71 -4.63 3.55
CA GLN A 55 0.34 -4.80 4.53
C GLN A 55 0.86 -3.44 4.97
N ILE A 56 1.19 -3.34 6.25
CA ILE A 56 1.97 -2.21 6.76
C ILE A 56 3.42 -2.62 6.68
N VAL A 57 4.25 -1.79 6.07
CA VAL A 57 5.64 -2.14 5.80
C VAL A 57 6.57 -1.05 6.33
N SER A 58 7.83 -1.42 6.58
CA SER A 58 8.79 -0.48 7.14
CA SER A 58 8.79 -0.49 7.14
C SER A 58 10.19 -0.76 6.61
N THR A 59 10.97 0.29 6.53
CA THR A 59 12.41 0.23 6.36
C THR A 59 13.04 0.73 7.67
N ALA A 60 14.36 0.90 7.66
CA ALA A 60 15.01 1.48 8.84
C ALA A 60 14.51 2.89 9.11
N THR A 61 14.09 3.61 8.07
CA THR A 61 13.82 5.03 8.17
C THR A 61 12.38 5.43 7.87
N GLN A 62 11.57 4.56 7.27
CA GLN A 62 10.23 4.97 6.87
C GLN A 62 9.23 3.85 7.09
N THR A 63 7.95 4.23 7.19
CA THR A 63 6.87 3.24 7.25
C THR A 63 5.75 3.71 6.33
N PHE A 64 5.12 2.74 5.65
CA PHE A 64 4.14 3.02 4.61
C PHE A 64 3.33 1.74 4.41
N LEU A 65 2.60 1.63 3.28
CA LEU A 65 1.74 0.50 3.02
C LEU A 65 2.14 -0.20 1.73
N ALA A 66 1.69 -1.45 1.57
CA ALA A 66 1.84 -2.18 0.33
C ALA A 66 0.58 -3.01 0.12
N THR A 67 0.16 -3.13 -1.13
CA THR A 67 -1.14 -3.73 -1.45
C THR A 67 -0.96 -4.83 -2.49
N SER A 68 -1.56 -5.99 -2.25
CA SER A 68 -1.50 -7.09 -3.21
CA SER A 68 -1.50 -7.09 -3.20
C SER A 68 -2.63 -6.98 -4.21
N ILE A 69 -2.28 -6.95 -5.50
CA ILE A 69 -3.24 -6.95 -6.59
C ILE A 69 -2.70 -7.92 -7.64
N ASN A 70 -3.50 -8.92 -8.02
CA ASN A 70 -3.14 -9.90 -9.04
C ASN A 70 -1.81 -10.60 -8.75
N GLY A 71 -1.59 -10.95 -7.49
CA GLY A 71 -0.45 -11.76 -7.14
C GLY A 71 0.86 -11.02 -7.03
N VAL A 72 0.82 -9.69 -7.00
CA VAL A 72 1.99 -8.84 -6.84
C VAL A 72 1.72 -7.93 -5.65
N LEU A 73 2.69 -7.82 -4.74
CA LEU A 73 2.62 -6.86 -3.65
C LEU A 73 3.25 -5.56 -4.12
N TRP A 74 2.43 -4.51 -4.27
CA TRP A 74 2.83 -3.24 -4.86
C TRP A 74 3.03 -2.19 -3.77
N THR A 75 3.97 -1.28 -4.03
CA THR A 75 4.13 -0.12 -3.16
C THR A 75 4.79 1.00 -3.95
N VAL A 76 5.14 2.08 -3.26
CA VAL A 76 5.71 3.25 -3.91
C VAL A 76 7.24 3.20 -3.87
N TYR A 77 7.84 3.68 -4.97
CA TYR A 77 9.29 3.79 -5.04
C TYR A 77 9.83 4.76 -3.99
N HIS A 78 9.07 5.81 -3.67
CA HIS A 78 9.56 6.79 -2.71
C HIS A 78 9.63 6.24 -1.29
N GLY A 79 8.99 5.09 -1.01
CA GLY A 79 9.17 4.39 0.24
C GLY A 79 10.19 3.28 0.14
N ALA A 80 10.09 2.43 -0.89
CA ALA A 80 10.90 1.22 -0.94
C ALA A 80 12.21 1.37 -1.70
N GLY A 81 12.34 2.37 -2.56
CA GLY A 81 13.49 2.39 -3.45
C GLY A 81 13.57 1.10 -4.23
N THR A 82 14.80 0.61 -4.42
CA THR A 82 15.07 -0.65 -5.09
C THR A 82 15.20 -1.82 -4.11
N ARG A 83 14.74 -1.66 -2.87
CA ARG A 83 15.01 -2.66 -1.84
C ARG A 83 14.32 -4.00 -2.09
N THR A 84 14.99 -5.06 -1.64
CA THR A 84 14.36 -6.37 -1.50
C THR A 84 13.32 -6.32 -0.38
N ILE A 85 12.43 -7.32 -0.35
CA ILE A 85 11.50 -7.52 0.76
C ILE A 85 11.90 -8.79 1.52
N ALA A 86 11.76 -8.74 2.84
CA ALA A 86 12.09 -9.91 3.65
C ALA A 86 11.03 -10.99 3.48
N SER A 87 11.48 -12.24 3.54
CA SER A 87 10.60 -13.38 3.28
C SER A 87 11.13 -14.59 4.02
N PRO A 88 10.35 -15.68 4.12
CA PRO A 88 10.82 -16.84 4.90
C PRO A 88 12.10 -17.45 4.38
N LYS A 89 12.42 -17.25 3.11
CA LYS A 89 13.63 -17.82 2.51
C LYS A 89 14.72 -16.79 2.29
N GLY A 90 14.57 -15.57 2.81
CA GLY A 90 15.55 -14.54 2.61
C GLY A 90 15.04 -13.41 1.73
N PRO A 91 15.92 -12.48 1.39
CA PRO A 91 15.50 -11.30 0.62
C PRO A 91 14.96 -11.68 -0.76
N VAL A 92 13.87 -11.03 -1.14
CA VAL A 92 13.25 -11.24 -2.46
C VAL A 92 13.39 -9.95 -3.27
N THR A 93 14.00 -10.07 -4.45
CA THR A 93 14.25 -8.95 -5.34
C THR A 93 12.95 -8.48 -5.99
N GLN A 94 12.84 -7.17 -6.22
CA GLN A 94 11.68 -6.63 -6.93
C GLN A 94 11.50 -7.30 -8.29
N MET A 95 10.24 -7.55 -8.62
CA MET A 95 9.78 -8.04 -9.91
C MET A 95 9.43 -6.89 -10.86
N TYR A 96 9.05 -5.74 -10.30
CA TYR A 96 8.76 -4.53 -11.08
C TYR A 96 9.38 -3.35 -10.36
N THR A 97 9.99 -2.45 -11.12
CA THR A 97 10.49 -1.18 -10.61
C THR A 97 10.24 -0.14 -11.68
N ASN A 98 9.50 0.93 -11.34
CA ASN A 98 9.23 2.00 -12.30
C ASN A 98 9.24 3.33 -11.55
N VAL A 99 10.41 3.96 -11.52
CA VAL A 99 10.58 5.25 -10.85
C VAL A 99 9.69 6.31 -11.46
N ASP A 100 9.41 6.21 -12.77
CA ASP A 100 8.60 7.22 -13.46
C ASP A 100 7.16 7.20 -12.96
N LYS A 101 6.68 6.04 -12.53
CA LYS A 101 5.35 5.89 -11.96
C LYS A 101 5.37 5.88 -10.44
N ASP A 102 6.54 6.00 -9.82
CA ASP A 102 6.69 5.88 -8.37
C ASP A 102 6.19 4.52 -7.88
N LEU A 103 6.53 3.44 -8.60
CA LEU A 103 5.88 2.15 -8.40
C LEU A 103 6.92 1.04 -8.31
N VAL A 104 6.77 0.15 -7.34
CA VAL A 104 7.54 -1.08 -7.30
C VAL A 104 6.62 -2.24 -6.93
N GLY A 105 7.05 -3.46 -7.25
CA GLY A 105 6.30 -4.63 -6.85
C GLY A 105 7.20 -5.83 -6.66
N TRP A 106 6.80 -6.70 -5.73
CA TRP A 106 7.42 -8.00 -5.51
C TRP A 106 6.34 -9.07 -5.68
N GLN A 107 6.77 -10.31 -5.93
CA GLN A 107 5.82 -11.42 -5.89
C GLN A 107 5.08 -11.40 -4.56
N ALA A 108 3.76 -11.60 -4.60
CA ALA A 108 2.99 -11.50 -3.38
C ALA A 108 3.36 -12.62 -2.40
N PRO A 109 3.55 -12.30 -1.11
CA PRO A 109 3.95 -13.34 -0.15
C PRO A 109 2.90 -14.44 -0.02
N GLN A 110 3.37 -15.67 0.21
CA GLN A 110 2.47 -16.77 0.51
C GLN A 110 1.63 -16.43 1.74
N GLY A 111 0.32 -16.65 1.62
CA GLY A 111 -0.62 -16.30 2.66
C GLY A 111 -1.35 -15.01 2.43
N SER A 112 -0.79 -14.11 1.63
CA SER A 112 -1.51 -12.90 1.29
C SER A 112 -2.71 -13.23 0.41
N ARG A 113 -3.65 -12.30 0.39
CA ARG A 113 -4.79 -12.35 -0.52
C ARG A 113 -4.69 -11.13 -1.42
N SER A 114 -5.02 -11.29 -2.69
CA SER A 114 -4.93 -10.22 -3.67
C SER A 114 -6.28 -9.59 -3.93
N LEU A 115 -6.30 -8.28 -4.06
CA LEU A 115 -7.43 -7.58 -4.65
C LEU A 115 -7.44 -7.84 -6.16
N THR A 116 -8.64 -7.71 -6.74
CA THR A 116 -8.88 -7.81 -8.18
C THR A 116 -9.00 -6.41 -8.77
N PRO A 117 -8.41 -6.14 -9.92
CA PRO A 117 -8.58 -4.82 -10.53
C PRO A 117 -10.05 -4.52 -10.83
N CYS A 118 -10.44 -3.28 -10.56
CA CYS A 118 -11.81 -2.83 -10.82
C CYS A 118 -12.05 -2.73 -12.32
N THR A 119 -13.22 -3.21 -12.75
CA THR A 119 -13.66 -3.07 -14.13
C THR A 119 -14.97 -2.31 -14.24
N CYS A 120 -15.48 -1.76 -13.15
CA CYS A 120 -16.83 -1.20 -13.17
C CYS A 120 -16.88 0.27 -13.57
N GLY A 121 -15.76 0.99 -13.61
CA GLY A 121 -15.77 2.39 -13.98
C GLY A 121 -16.43 3.34 -12.98
N SER A 122 -16.62 2.93 -11.74
CA SER A 122 -17.24 3.80 -10.75
C SER A 122 -16.29 4.91 -10.33
N SER A 123 -16.84 6.09 -10.07
CA SER A 123 -16.08 7.20 -9.54
C SER A 123 -16.26 7.41 -8.04
N ASP A 124 -16.98 6.52 -7.36
CA ASP A 124 -17.14 6.62 -5.90
C ASP A 124 -16.13 5.66 -5.28
N LEU A 125 -15.05 6.22 -4.73
CA LEU A 125 -13.92 5.43 -4.26
C LEU A 125 -13.76 5.54 -2.75
N TYR A 126 -12.87 4.69 -2.24
CA TYR A 126 -12.60 4.58 -0.80
C TYR A 126 -11.11 4.36 -0.60
N LEU A 127 -10.46 5.27 0.10
CA LEU A 127 -9.03 5.15 0.39
C LEU A 127 -8.85 4.50 1.75
N VAL A 128 -8.02 3.46 1.82
CA VAL A 128 -7.74 2.75 3.08
C VAL A 128 -6.40 3.25 3.62
N THR A 129 -6.39 3.78 4.84
CA THR A 129 -5.16 4.30 5.43
C THR A 129 -4.51 3.28 6.36
N ARG A 130 -3.28 3.62 6.78
CA ARG A 130 -2.53 2.76 7.69
C ARG A 130 -3.18 2.66 9.06
N HIS A 131 -4.11 3.54 9.38
CA HIS A 131 -4.86 3.47 10.63
C HIS A 131 -6.19 2.78 10.44
N ALA A 132 -6.41 2.20 9.27
CA ALA A 132 -7.65 1.53 8.91
C ALA A 132 -8.84 2.47 8.81
N ASP A 133 -8.59 3.76 8.59
CA ASP A 133 -9.66 4.64 8.16
C ASP A 133 -10.04 4.30 6.72
N VAL A 134 -11.33 4.31 6.43
CA VAL A 134 -11.85 4.09 5.09
C VAL A 134 -12.47 5.41 4.66
N ILE A 135 -11.77 6.13 3.78
CA ILE A 135 -12.02 7.55 3.51
C ILE A 135 -12.70 7.66 2.15
N PRO A 136 -13.95 8.13 2.08
CA PRO A 136 -14.60 8.33 0.77
C PRO A 136 -13.89 9.38 -0.07
N VAL A 137 -13.66 9.03 -1.34
CA VAL A 137 -12.95 9.87 -2.31
C VAL A 137 -13.75 9.85 -3.60
N ARG A 138 -14.08 11.03 -4.14
CA ARG A 138 -14.72 11.11 -5.44
C ARG A 138 -13.64 11.19 -6.50
N ARG A 139 -13.66 10.27 -7.45
CA ARG A 139 -12.66 10.31 -8.52
C ARG A 139 -12.86 11.55 -9.37
N ARG A 140 -11.75 12.26 -9.65
CA ARG A 140 -11.78 13.51 -10.38
C ARG A 140 -10.97 13.49 -11.66
N GLY A 141 -10.20 12.43 -11.90
CA GLY A 141 -9.47 12.26 -13.14
C GLY A 141 -8.86 10.89 -13.16
N ASP A 142 -8.03 10.63 -14.17
CA ASP A 142 -7.34 9.35 -14.25
C ASP A 142 -6.53 9.04 -12.99
N SER A 143 -5.93 10.05 -12.37
CA SER A 143 -5.01 9.80 -11.26
C SER A 143 -5.31 10.66 -10.05
N ARG A 144 -6.51 11.23 -9.93
CA ARG A 144 -6.81 12.14 -8.84
C ARG A 144 -8.21 11.91 -8.30
N GLY A 145 -8.39 12.18 -7.01
CA GLY A 145 -9.71 12.18 -6.40
C GLY A 145 -9.75 13.14 -5.26
N SER A 146 -10.95 13.64 -4.95
CA SER A 146 -11.13 14.61 -3.88
C SER A 146 -11.69 13.93 -2.62
N LEU A 147 -11.16 14.34 -1.46
CA LEU A 147 -11.71 13.85 -0.20
C LEU A 147 -13.07 14.49 0.01
N LEU A 148 -14.06 13.67 0.36
CA LEU A 148 -15.36 14.24 0.70
C LEU A 148 -15.25 15.07 1.97
N SER A 149 -14.39 14.66 2.89
CA SER A 149 -14.14 15.40 4.13
C SER A 149 -12.63 15.62 4.24
N PRO A 150 -12.14 16.80 3.85
CA PRO A 150 -10.71 17.09 4.02
C PRO A 150 -10.26 16.98 5.47
N ARG A 151 -8.98 16.72 5.66
CA ARG A 151 -8.44 16.54 7.00
C ARG A 151 -6.96 16.91 6.97
N PRO A 152 -6.36 17.18 8.13
CA PRO A 152 -4.91 17.45 8.15
C PRO A 152 -4.11 16.35 7.47
N ILE A 153 -3.07 16.75 6.76
CA ILE A 153 -2.26 15.80 6.00
C ILE A 153 -1.65 14.73 6.91
N SER A 154 -1.47 15.05 8.20
CA SER A 154 -0.95 14.05 9.13
C SER A 154 -1.75 12.76 9.10
N TYR A 155 -3.06 12.83 8.80
CA TYR A 155 -3.88 11.63 8.80
C TYR A 155 -3.59 10.74 7.60
N LEU A 156 -2.97 11.28 6.55
CA LEU A 156 -2.62 10.50 5.37
C LEU A 156 -1.15 10.11 5.32
N LYS A 157 -0.31 10.74 6.13
CA LYS A 157 1.11 10.43 6.12
C LYS A 157 1.31 8.97 6.50
N GLY A 158 2.17 8.28 5.75
CA GLY A 158 2.43 6.89 5.99
C GLY A 158 1.46 5.95 5.32
N SER A 159 0.57 6.45 4.48
CA SER A 159 -0.40 5.60 3.80
C SER A 159 -0.14 5.45 2.32
N SER A 160 0.94 6.03 1.79
CA SER A 160 1.31 5.73 0.41
C SER A 160 1.50 4.23 0.25
N GLY A 161 1.11 3.73 -0.90
CA GLY A 161 1.10 2.30 -1.15
C GLY A 161 -0.19 1.62 -0.82
N GLY A 162 -1.11 2.30 -0.12
CA GLY A 162 -2.42 1.74 0.18
C GLY A 162 -3.37 1.86 -0.99
N PRO A 163 -4.49 1.15 -0.92
CA PRO A 163 -5.42 1.10 -2.06
C PRO A 163 -6.51 2.16 -2.02
N LEU A 164 -6.94 2.52 -3.23
CA LEU A 164 -8.27 3.09 -3.44
C LEU A 164 -9.13 1.99 -4.03
N LEU A 165 -10.31 1.80 -3.44
CA LEU A 165 -11.22 0.72 -3.79
C LEU A 165 -12.53 1.31 -4.32
N CYS A 166 -13.20 0.54 -5.18
CA CYS A 166 -14.52 0.91 -5.70
C CYS A 166 -15.58 0.39 -4.73
N PRO A 167 -16.88 0.67 -4.96
CA PRO A 167 -17.89 0.16 -4.03
C PRO A 167 -17.94 -1.36 -3.91
N ALA A 168 -17.49 -2.09 -4.93
CA ALA A 168 -17.46 -3.55 -4.87
C ALA A 168 -16.16 -4.09 -4.26
N GLY A 169 -15.29 -3.21 -3.76
CA GLY A 169 -14.06 -3.66 -3.12
C GLY A 169 -12.94 -4.03 -4.05
N HIS A 170 -13.01 -3.64 -5.31
CA HIS A 170 -11.94 -3.92 -6.26
C HIS A 170 -10.93 -2.77 -6.24
N ALA A 171 -9.71 -3.09 -6.67
CA ALA A 171 -8.63 -2.11 -6.66
C ALA A 171 -8.76 -1.13 -7.82
N VAL A 172 -8.81 0.15 -7.51
CA VAL A 172 -8.86 1.22 -8.52
C VAL A 172 -7.50 1.89 -8.65
N GLY A 173 -6.73 1.95 -7.56
CA GLY A 173 -5.41 2.56 -7.66
C GLY A 173 -4.62 2.42 -6.38
N ILE A 174 -3.37 2.88 -6.43
CA ILE A 174 -2.45 2.88 -5.30
C ILE A 174 -2.16 4.33 -4.91
N PHE A 175 -2.39 4.67 -3.65
CA PHE A 175 -2.17 6.05 -3.16
C PHE A 175 -0.71 6.42 -3.27
N ARG A 176 -0.44 7.57 -3.90
CA ARG A 176 0.91 8.03 -4.22
C ARG A 176 1.26 9.36 -3.57
N ALA A 177 0.37 10.36 -3.62
CA ALA A 177 0.69 11.70 -3.17
C ALA A 177 -0.59 12.42 -2.76
N ALA A 178 -0.43 13.49 -1.99
CA ALA A 178 -1.59 14.24 -1.51
C ALA A 178 -1.50 15.67 -1.97
N VAL A 179 -2.67 16.24 -2.25
CA VAL A 179 -2.81 17.63 -2.64
C VAL A 179 -3.18 18.39 -1.38
N SER A 180 -2.26 19.25 -0.93
CA SER A 180 -2.36 19.86 0.38
C SER A 180 -2.28 21.38 0.28
N THR A 181 -3.16 22.05 1.03
CA THR A 181 -3.18 23.51 1.11
C THR A 181 -3.22 23.90 2.59
N ARG A 182 -2.18 24.59 3.05
CA ARG A 182 -2.06 25.00 4.45
C ARG A 182 -2.15 23.80 5.39
N GLY A 183 -1.53 22.68 4.99
CA GLY A 183 -1.53 21.47 5.78
C GLY A 183 -2.79 20.65 5.72
N VAL A 184 -3.80 21.09 4.96
CA VAL A 184 -5.05 20.35 4.83
C VAL A 184 -5.01 19.59 3.52
N ALA A 185 -5.26 18.29 3.60
CA ALA A 185 -5.35 17.47 2.40
C ALA A 185 -6.76 17.58 1.85
N LYS A 186 -6.90 18.08 0.62
CA LYS A 186 -8.19 18.15 -0.03
C LYS A 186 -8.37 17.10 -1.11
N ALA A 187 -7.29 16.51 -1.60
CA ALA A 187 -7.36 15.57 -2.70
C ALA A 187 -6.16 14.64 -2.63
N VAL A 188 -6.29 13.52 -3.34
CA VAL A 188 -5.23 12.53 -3.41
C VAL A 188 -4.88 12.25 -4.86
N GLN A 189 -3.64 11.85 -5.07
CA GLN A 189 -3.14 11.46 -6.37
C GLN A 189 -2.70 10.00 -6.25
N PHE A 190 -3.02 9.20 -7.26
CA PHE A 190 -2.83 7.76 -7.16
C PHE A 190 -2.38 7.20 -8.49
N ILE A 191 -1.76 6.03 -8.42
CA ILE A 191 -1.36 5.23 -9.58
C ILE A 191 -2.58 4.43 -10.02
N PRO A 192 -3.14 4.64 -11.21
CA PRO A 192 -4.34 3.87 -11.59
C PRO A 192 -4.01 2.40 -11.76
N VAL A 193 -4.99 1.54 -11.44
CA VAL A 193 -4.75 0.10 -11.54
C VAL A 193 -4.39 -0.30 -12.97
N GLU A 194 -4.91 0.42 -13.97
CA GLU A 194 -4.58 0.09 -15.36
C GLU A 194 -3.09 0.26 -15.63
N SER A 195 -2.43 1.18 -14.92
CA SER A 195 -0.99 1.33 -15.05
C SER A 195 -0.28 0.11 -14.50
N LEU A 196 -0.78 -0.46 -13.40
CA LEU A 196 -0.27 -1.73 -12.90
C LEU A 196 -0.51 -2.84 -13.89
N GLU A 197 -1.74 -2.91 -14.43
CA GLU A 197 -2.10 -3.98 -15.34
C GLU A 197 -1.20 -3.99 -16.57
N THR A 198 -0.87 -2.81 -17.10
CA THR A 198 0.04 -2.78 -18.24
C THR A 198 1.45 -3.19 -17.83
N THR A 199 1.89 -2.73 -16.65
CA THR A 199 3.18 -3.16 -16.12
C THR A 199 3.27 -4.68 -16.05
N MET A 200 2.19 -5.34 -15.64
CA MET A 200 2.15 -6.80 -15.57
C MET A 200 2.06 -7.40 -16.97
#